data_4RCJ
#
_entry.id   4RCJ
#
_cell.length_a   37.648
_cell.length_b   40.029
_cell.length_c   59.308
_cell.angle_alpha   90.00
_cell.angle_beta   93.41
_cell.angle_gamma   90.00
#
_symmetry.space_group_name_H-M   'P 1 21 1'
#
loop_
_entity.id
_entity.type
_entity.pdbx_description
1 polymer 'YTH domain-containing family protein 1'
2 polymer "RNA (5'-R(*GP*GP*(6MZ)P*CP*U)-3')"
3 non-polymer 'UNKNOWN ATOM OR ION'
4 water water
#
loop_
_entity_poly.entity_id
_entity_poly.type
_entity_poly.pdbx_seq_one_letter_code
_entity_poly.pdbx_strand_id
1 'polypeptide(L)'
;GHPVLEKLKAAHSYNPKEFEWNLKSGRVFIIKSYSEDDIHRSIKYSIWCSTEHGNKRLDSAFRCMSSKGPVYLLFSVNGS
GHFCGVAEMKSPVDYGTSAGVWSQDKWKGKFDVQWIFVKDVPNNQLRHIRLENNDNKPVTNSRDTQEVPLEKAKQVLKII
SSYKHTTSIFDDFAHYEKRQEEEEVVRKERQ
;
A
2 'polyribonucleotide' GG(6MZ)CU B
#
# COMPACT_ATOMS: atom_id res chain seq x y z
N HIS A 2 8.51 13.60 15.19
CA HIS A 2 7.61 14.59 14.53
C HIS A 2 6.18 14.50 15.15
N PRO A 3 5.53 15.63 15.44
CA PRO A 3 4.18 15.58 16.00
C PRO A 3 3.11 14.96 15.05
N VAL A 4 3.25 15.09 13.73
CA VAL A 4 2.31 14.38 12.83
C VAL A 4 2.51 12.85 13.00
N LEU A 5 3.75 12.43 13.05
CA LEU A 5 4.04 10.99 13.22
C LEU A 5 3.54 10.47 14.60
N GLU A 6 3.73 11.24 15.66
CA GLU A 6 3.28 10.79 16.97
C GLU A 6 1.78 10.59 17.02
N LYS A 7 1.03 11.48 16.34
CA LYS A 7 -0.42 11.36 16.24
C LYS A 7 -0.86 10.13 15.42
N LEU A 8 -0.15 9.85 14.32
CA LEU A 8 -0.37 8.62 13.54
C LEU A 8 -0.14 7.33 14.37
N LYS A 9 0.99 7.27 15.07
CA LYS A 9 1.35 6.08 15.88
C LYS A 9 0.28 5.87 16.97
N ALA A 10 -0.25 6.96 17.58
CA ALA A 10 -1.27 6.83 18.65
C ALA A 10 -2.60 6.36 18.08
N ALA A 11 -2.92 6.74 16.83
CA ALA A 11 -4.22 6.38 16.28
C ALA A 11 -4.27 4.96 15.67
N HIS A 12 -3.13 4.39 15.29
CA HIS A 12 -3.08 3.14 14.49
C HIS A 12 -2.25 2.11 15.22
N SER A 13 -2.40 0.85 14.87
CA SER A 13 -1.64 -0.19 15.59
C SER A 13 -0.62 -0.71 14.64
N TYR A 14 0.40 0.11 14.29
CA TYR A 14 1.29 -0.33 13.22
C TYR A 14 2.09 -1.54 13.61
N ASN A 15 2.36 -2.38 12.62
CA ASN A 15 3.21 -3.56 12.79
C ASN A 15 2.76 -4.48 13.94
N PRO A 16 1.46 -4.89 13.91
CA PRO A 16 0.92 -5.70 14.99
C PRO A 16 1.68 -7.01 15.13
N LYS A 17 2.06 -7.32 16.35
CA LYS A 17 2.72 -8.59 16.58
C LYS A 17 1.81 -9.77 16.38
N GLU A 18 0.51 -9.64 16.59
CA GLU A 18 -0.41 -10.79 16.53
C GLU A 18 -1.20 -10.91 15.23
N PHE A 19 -0.82 -10.21 14.19
CA PHE A 19 -1.51 -10.28 12.86
C PHE A 19 -1.93 -11.65 12.35
N GLU A 20 -3.17 -11.76 11.89
CA GLU A 20 -3.59 -12.99 11.21
C GLU A 20 -3.25 -13.05 9.71
N TRP A 21 -2.17 -13.74 9.43
CA TRP A 21 -1.72 -13.96 8.06
C TRP A 21 -2.47 -15.12 7.39
N ASN A 22 -2.97 -16.05 8.24
CA ASN A 22 -3.68 -17.23 7.76
C ASN A 22 -5.12 -16.92 7.45
N LEU A 23 -5.31 -16.15 6.38
CA LEU A 23 -6.63 -15.72 5.92
C LEU A 23 -7.50 -16.89 5.44
N LYS A 24 -8.72 -16.92 5.96
CA LYS A 24 -9.68 -17.89 5.48
C LYS A 24 -10.42 -17.31 4.26
N SER A 25 -10.52 -15.98 4.17
CA SER A 25 -11.14 -15.32 3.00
C SER A 25 -10.53 -13.91 2.87
N GLY A 26 -10.67 -13.36 1.69
CA GLY A 26 -10.08 -12.03 1.37
C GLY A 26 -9.53 -11.98 -0.03
N ARG A 27 -9.02 -10.82 -0.43
CA ARG A 27 -8.50 -10.57 -1.78
CA ARG A 27 -8.35 -10.71 -1.70
C ARG A 27 -7.21 -9.74 -1.46
N VAL A 28 -6.15 -10.03 -2.18
CA VAL A 28 -4.87 -9.37 -1.95
C VAL A 28 -4.34 -8.88 -3.31
N PHE A 29 -3.88 -7.62 -3.35
CA PHE A 29 -3.34 -7.07 -4.58
C PHE A 29 -1.99 -6.37 -4.33
N ILE A 30 -1.15 -6.34 -5.36
CA ILE A 30 0.10 -5.59 -5.29
C ILE A 30 -0.22 -4.13 -5.72
N ILE A 31 0.36 -3.16 -4.99
CA ILE A 31 0.34 -1.76 -5.42
C ILE A 31 1.74 -1.27 -5.71
N LYS A 32 1.89 -0.64 -6.87
CA LYS A 32 3.16 -0.07 -7.24
C LYS A 32 3.04 1.45 -7.29
N SER A 33 4.16 2.12 -6.98
CA SER A 33 4.24 3.56 -7.09
C SER A 33 5.64 3.97 -7.58
N TYR A 34 5.65 4.98 -8.46
CA TYR A 34 6.91 5.68 -8.82
C TYR A 34 7.14 7.01 -8.13
N SER A 35 6.35 7.24 -7.05
CA SER A 35 6.55 8.36 -6.15
C SER A 35 6.62 7.87 -4.70
N GLU A 36 7.77 8.08 -4.04
CA GLU A 36 7.91 7.80 -2.61
C GLU A 36 7.03 8.77 -1.80
N ASP A 37 6.93 10.01 -2.23
CA ASP A 37 6.16 11.04 -1.57
C ASP A 37 4.71 10.53 -1.49
N ASP A 38 4.20 9.92 -2.60
CA ASP A 38 2.85 9.43 -2.52
C ASP A 38 2.62 8.40 -1.41
N ILE A 39 3.60 7.52 -1.12
CA ILE A 39 3.47 6.59 0.03
C ILE A 39 3.27 7.34 1.34
N HIS A 40 4.09 8.39 1.56
CA HIS A 40 3.99 9.21 2.76
C HIS A 40 2.60 9.81 2.87
N ARG A 41 2.06 10.33 1.76
CA ARG A 41 0.71 10.92 1.77
C ARG A 41 -0.33 9.89 2.09
N SER A 42 -0.15 8.65 1.58
CA SER A 42 -1.12 7.63 1.78
C SER A 42 -1.22 7.35 3.30
N ILE A 43 -0.07 7.17 3.91
CA ILE A 43 0.02 6.91 5.38
C ILE A 43 -0.60 8.09 6.14
N LYS A 44 -0.23 9.32 5.79
CA LYS A 44 -0.71 10.46 6.52
C LYS A 44 -2.21 10.70 6.43
N TYR A 45 -2.81 10.52 5.24
CA TYR A 45 -4.18 10.87 4.99
C TYR A 45 -5.04 9.64 4.90
N SER A 46 -4.46 8.43 4.98
CA SER A 46 -5.26 7.19 4.91
C SER A 46 -6.07 7.05 3.61
N ILE A 47 -5.38 7.30 2.52
CA ILE A 47 -5.99 7.20 1.18
C ILE A 47 -5.06 6.58 0.14
N TRP A 48 -5.66 6.09 -0.96
CA TRP A 48 -4.87 5.71 -2.13
C TRP A 48 -5.68 6.05 -3.38
N CYS A 49 -4.97 6.00 -4.51
CA CYS A 49 -5.58 6.16 -5.84
C CYS A 49 -4.70 5.40 -6.81
N SER A 50 -5.28 4.65 -7.73
CA SER A 50 -4.51 3.92 -8.78
C SER A 50 -4.85 4.60 -10.13
N THR A 51 -4.55 3.90 -11.21
CA THR A 51 -5.11 4.26 -12.51
C THR A 51 -6.63 4.08 -12.51
N GLU A 52 -7.32 4.59 -13.55
CA GLU A 52 -8.74 4.27 -13.71
C GLU A 52 -9.00 2.75 -13.72
N HIS A 53 -8.17 2.02 -14.48
CA HIS A 53 -8.26 0.61 -14.61
C HIS A 53 -8.08 -0.09 -13.23
N GLY A 54 -7.07 0.35 -12.52
CA GLY A 54 -6.80 -0.23 -11.23
C GLY A 54 -7.83 0.10 -10.22
N ASN A 55 -8.33 1.34 -10.23
CA ASN A 55 -9.40 1.76 -9.32
C ASN A 55 -10.68 0.88 -9.52
N LYS A 56 -11.02 0.60 -10.79
CA LYS A 56 -12.17 -0.27 -11.04
C LYS A 56 -11.94 -1.67 -10.52
N ARG A 57 -10.75 -2.21 -10.68
CA ARG A 57 -10.46 -3.55 -10.23
C ARG A 57 -10.59 -3.64 -8.71
N LEU A 58 -10.04 -2.64 -8.03
CA LEU A 58 -10.11 -2.62 -6.56
C LEU A 58 -11.57 -2.35 -6.04
N ASP A 59 -12.32 -1.45 -6.70
CA ASP A 59 -13.66 -1.14 -6.35
C ASP A 59 -14.52 -2.42 -6.41
N SER A 60 -14.38 -3.13 -7.54
CA SER A 60 -15.08 -4.44 -7.74
CA SER A 60 -15.05 -4.42 -7.72
C SER A 60 -14.75 -5.41 -6.59
N ALA A 61 -13.46 -5.58 -6.28
CA ALA A 61 -13.02 -6.49 -5.16
C ALA A 61 -13.64 -6.10 -3.86
N PHE A 62 -13.57 -4.81 -3.51
CA PHE A 62 -14.12 -4.35 -2.25
C PHE A 62 -15.62 -4.62 -2.17
N ARG A 63 -16.35 -4.27 -3.22
CA ARG A 63 -17.82 -4.36 -3.18
C ARG A 63 -18.17 -5.83 -3.14
N CYS A 64 -17.42 -6.67 -3.84
CA CYS A 64 -17.71 -8.12 -3.89
C CYS A 64 -17.43 -8.87 -2.60
N MET A 65 -16.50 -8.38 -1.78
CA MET A 65 -16.21 -8.99 -0.49
C MET A 65 -17.38 -8.79 0.49
N SER A 66 -18.15 -7.72 0.34
CA SER A 66 -19.33 -7.46 1.19
C SER A 66 -19.00 -7.51 2.68
N SER A 67 -17.84 -6.95 3.07
CA SER A 67 -17.39 -6.93 4.48
C SER A 67 -17.06 -8.31 5.09
N LYS A 68 -17.12 -9.41 4.32
CA LYS A 68 -16.87 -10.79 4.86
C LYS A 68 -15.40 -11.08 5.16
N GLY A 69 -14.53 -10.25 4.61
CA GLY A 69 -13.11 -10.46 4.73
C GLY A 69 -12.43 -9.21 4.16
N PRO A 70 -11.14 -9.10 4.39
CA PRO A 70 -10.32 -7.94 4.01
C PRO A 70 -9.92 -7.94 2.54
N VAL A 71 -9.74 -6.72 2.01
CA VAL A 71 -8.98 -6.45 0.78
C VAL A 71 -7.63 -5.86 1.19
N TYR A 72 -6.56 -6.64 1.06
CA TYR A 72 -5.20 -6.13 1.43
C TYR A 72 -4.40 -5.68 0.21
N LEU A 73 -3.62 -4.59 0.41
CA LEU A 73 -2.79 -3.94 -0.60
C LEU A 73 -1.32 -3.94 -0.16
N LEU A 74 -0.49 -4.59 -0.96
CA LEU A 74 0.97 -4.78 -0.68
C LEU A 74 1.75 -3.77 -1.50
N PHE A 75 2.32 -2.84 -0.78
CA PHE A 75 2.93 -1.66 -1.39
C PHE A 75 4.44 -1.84 -1.68
N SER A 76 4.79 -1.44 -2.91
CA SER A 76 6.23 -1.38 -3.28
C SER A 76 6.55 -0.28 -4.27
N VAL A 77 7.58 0.51 -3.97
CA VAL A 77 8.01 1.57 -4.88
C VAL A 77 8.84 0.97 -6.03
N ASN A 78 8.51 1.38 -7.27
CA ASN A 78 9.22 0.91 -8.47
C ASN A 78 10.74 1.07 -8.30
N GLY A 79 11.46 -0.04 -8.47
CA GLY A 79 12.90 -0.04 -8.51
C GLY A 79 13.62 -0.03 -7.17
N SER A 80 12.84 -0.04 -6.11
CA SER A 80 13.34 0.09 -4.74
C SER A 80 14.02 -1.17 -4.22
N GLY A 81 13.65 -2.32 -4.77
CA GLY A 81 14.13 -3.63 -4.28
C GLY A 81 13.46 -4.15 -3.03
N HIS A 82 12.36 -3.50 -2.61
CA HIS A 82 11.63 -3.97 -1.40
C HIS A 82 10.16 -3.63 -1.43
N PHE A 83 9.40 -4.32 -0.60
CA PHE A 83 8.08 -3.83 -0.19
C PHE A 83 8.16 -2.94 1.01
N CYS A 84 7.26 -1.95 1.07
CA CYS A 84 7.29 -0.98 2.16
C CYS A 84 6.13 -1.01 3.12
N GLY A 85 5.18 -1.90 2.88
CA GLY A 85 4.12 -2.09 3.84
C GLY A 85 2.89 -2.72 3.26
N VAL A 86 1.82 -2.72 4.07
CA VAL A 86 0.56 -3.32 3.78
C VAL A 86 -0.53 -2.42 4.36
N ALA A 87 -1.57 -2.21 3.56
CA ALA A 87 -2.75 -1.46 4.03
C ALA A 87 -4.03 -2.27 3.68
N GLU A 88 -5.13 -2.02 4.39
CA GLU A 88 -6.38 -2.68 4.09
C GLU A 88 -7.26 -1.60 3.38
N MET A 89 -7.92 -1.97 2.30
CA MET A 89 -8.87 -1.04 1.66
C MET A 89 -10.12 -0.91 2.56
N LYS A 90 -10.58 0.30 2.79
CA LYS A 90 -11.66 0.59 3.75
C LYS A 90 -12.89 1.25 3.22
N SER A 91 -12.95 1.59 1.94
CA SER A 91 -14.14 2.17 1.40
C SER A 91 -14.20 1.80 -0.09
N PRO A 92 -15.40 1.93 -0.71
CA PRO A 92 -15.49 1.89 -2.18
C PRO A 92 -14.71 3.10 -2.80
N VAL A 93 -14.64 3.10 -4.14
CA VAL A 93 -13.83 4.11 -4.84
C VAL A 93 -14.73 5.33 -5.20
N ASP A 94 -14.14 6.50 -5.01
CA ASP A 94 -14.61 7.75 -5.61
C ASP A 94 -13.76 7.97 -6.86
N TYR A 95 -14.41 8.02 -8.04
CA TYR A 95 -13.67 8.00 -9.28
C TYR A 95 -13.19 9.37 -9.77
N GLY A 96 -13.85 10.43 -9.37
CA GLY A 96 -13.43 11.70 -10.03
C GLY A 96 -12.50 12.60 -9.23
N THR A 97 -12.50 12.44 -7.94
CA THR A 97 -12.00 13.49 -7.08
C THR A 97 -10.48 13.53 -7.23
N SER A 98 -9.87 14.70 -7.41
CA SER A 98 -8.45 14.83 -7.23
C SER A 98 -8.13 15.04 -5.74
N ALA A 99 -7.38 14.16 -5.13
CA ALA A 99 -7.00 14.28 -3.68
C ALA A 99 -6.21 15.51 -3.37
N GLY A 100 -5.54 16.03 -4.39
CA GLY A 100 -4.70 17.21 -4.23
C GLY A 100 -3.43 17.11 -3.40
N VAL A 101 -2.93 15.89 -3.17
CA VAL A 101 -1.72 15.62 -2.42
C VAL A 101 -0.68 14.76 -3.19
N TRP A 102 -1.02 14.28 -4.39
CA TRP A 102 -0.12 13.38 -5.06
C TRP A 102 0.95 14.21 -5.87
N SER A 103 2.04 13.57 -6.28
CA SER A 103 3.11 14.29 -6.95
C SER A 103 2.62 14.81 -8.30
N GLN A 104 1.81 14.01 -8.97
CA GLN A 104 1.35 14.24 -10.40
C GLN A 104 -0.16 14.46 -10.44
N ASP A 105 -0.66 15.28 -11.40
CA ASP A 105 -2.10 15.52 -11.57
CA ASP A 105 -2.10 15.50 -11.57
C ASP A 105 -2.88 14.32 -12.20
N LYS A 106 -2.15 13.36 -12.78
CA LYS A 106 -2.69 12.19 -13.46
C LYS A 106 -3.58 11.30 -12.55
N TRP A 107 -3.31 11.26 -11.24
CA TRP A 107 -4.01 10.37 -10.35
C TRP A 107 -5.39 10.92 -9.96
N LYS A 108 -6.47 10.40 -10.55
CA LYS A 108 -7.77 10.93 -10.30
C LYS A 108 -8.61 9.82 -9.60
N GLY A 109 -9.20 10.24 -8.50
CA GLY A 109 -10.05 9.40 -7.68
C GLY A 109 -9.44 9.21 -6.29
N LYS A 110 -10.17 8.52 -5.43
CA LYS A 110 -9.69 8.34 -4.06
C LYS A 110 -10.47 7.23 -3.40
N PHE A 111 -9.79 6.46 -2.51
CA PHE A 111 -10.49 5.55 -1.62
C PHE A 111 -9.73 5.48 -0.27
N ASP A 112 -10.46 5.11 0.75
CA ASP A 112 -9.89 5.03 2.11
C ASP A 112 -9.02 3.78 2.26
N VAL A 113 -7.88 3.93 2.95
CA VAL A 113 -7.09 2.77 3.37
C VAL A 113 -6.71 2.87 4.85
N GLN A 114 -6.41 1.72 5.44
CA GLN A 114 -5.89 1.68 6.82
C GLN A 114 -4.53 0.95 6.79
N TRP A 115 -3.48 1.69 7.02
CA TRP A 115 -2.16 1.07 7.04
C TRP A 115 -2.04 0.16 8.24
N ILE A 116 -1.52 -1.05 8.01
CA ILE A 116 -1.27 -2.06 9.03
C ILE A 116 0.25 -2.29 9.25
N PHE A 117 0.96 -2.59 8.18
CA PHE A 117 2.42 -2.76 8.18
C PHE A 117 3.11 -1.59 7.49
N VAL A 118 4.10 -1.06 8.19
CA VAL A 118 4.97 -0.02 7.70
C VAL A 118 6.38 -0.52 8.03
N LYS A 119 6.98 -1.16 7.05
CA LYS A 119 8.27 -1.89 7.23
C LYS A 119 8.88 -2.25 5.88
N ASP A 120 10.21 -2.11 5.78
CA ASP A 120 10.89 -2.53 4.54
C ASP A 120 11.24 -4.02 4.55
N VAL A 121 10.69 -4.72 3.57
CA VAL A 121 10.95 -6.17 3.40
C VAL A 121 11.60 -6.36 2.06
N PRO A 122 12.86 -6.80 2.06
CA PRO A 122 13.53 -6.95 0.77
C PRO A 122 12.90 -7.99 -0.17
N ASN A 123 12.99 -7.72 -1.45
CA ASN A 123 12.43 -8.65 -2.46
C ASN A 123 13.03 -10.07 -2.37
N ASN A 124 14.27 -10.17 -1.88
CA ASN A 124 14.91 -11.50 -1.75
C ASN A 124 14.27 -12.39 -0.67
N GLN A 125 13.43 -11.82 0.19
CA GLN A 125 12.64 -12.63 1.12
C GLN A 125 11.42 -13.22 0.48
N LEU A 126 11.01 -12.74 -0.70
CA LEU A 126 9.71 -13.02 -1.29
C LEU A 126 9.72 -13.61 -2.71
N ARG A 127 10.87 -13.56 -3.40
CA ARG A 127 10.93 -13.86 -4.83
C ARG A 127 10.76 -15.34 -5.11
N HIS A 128 10.86 -16.18 -4.09
CA HIS A 128 10.51 -17.62 -4.27
C HIS A 128 9.04 -17.93 -4.41
N ILE A 129 8.17 -16.99 -4.08
CA ILE A 129 6.72 -17.15 -4.22
C ILE A 129 6.27 -16.71 -5.62
N ARG A 130 5.82 -17.67 -6.41
CA ARG A 130 5.52 -17.41 -7.78
C ARG A 130 4.00 -17.45 -8.00
N LEU A 131 3.56 -16.63 -8.97
CA LEU A 131 2.13 -16.44 -9.20
C LEU A 131 1.63 -17.19 -10.48
N GLU A 132 0.79 -18.19 -10.26
CA GLU A 132 0.23 -19.03 -11.36
C GLU A 132 -0.76 -18.25 -12.30
N ASN A 133 -1.38 -17.19 -11.75
CA ASN A 133 -2.17 -16.27 -12.58
C ASN A 133 -1.35 -15.24 -13.31
N ASN A 134 -0.04 -15.20 -13.07
CA ASN A 134 0.84 -14.35 -13.78
C ASN A 134 2.03 -15.12 -14.38
N ASP A 135 1.75 -16.14 -15.17
CA ASP A 135 2.80 -16.86 -15.95
C ASP A 135 4.00 -17.37 -15.09
N ASN A 136 3.70 -17.77 -13.87
CA ASN A 136 4.66 -18.27 -12.87
C ASN A 136 5.76 -17.26 -12.52
N LYS A 137 5.51 -15.98 -12.69
CA LYS A 137 6.50 -14.98 -12.32
C LYS A 137 6.54 -14.81 -10.79
N PRO A 138 7.69 -14.42 -10.26
CA PRO A 138 7.73 -14.13 -8.81
C PRO A 138 6.81 -12.96 -8.46
N VAL A 139 6.33 -13.00 -7.22
CA VAL A 139 5.39 -11.96 -6.72
C VAL A 139 6.06 -10.62 -6.70
N THR A 140 7.37 -10.60 -6.59
CA THR A 140 8.17 -9.39 -6.57
C THR A 140 8.31 -8.71 -7.99
N ASN A 141 7.85 -9.37 -9.07
CA ASN A 141 7.89 -8.85 -10.45
CA ASN A 141 7.88 -8.85 -10.46
C ASN A 141 6.50 -8.44 -11.03
N SER A 142 5.62 -8.04 -10.13
CA SER A 142 4.27 -7.69 -10.41
C SER A 142 4.13 -6.22 -10.81
N ARG A 143 3.18 -6.00 -11.72
CA ARG A 143 2.66 -4.66 -12.06
C ARG A 143 1.66 -4.21 -11.01
N ASP A 144 1.33 -2.93 -11.07
CA ASP A 144 0.25 -2.36 -10.27
C ASP A 144 -1.08 -3.13 -10.40
N THR A 145 -1.65 -3.44 -9.24
CA THR A 145 -2.95 -4.13 -9.00
C THR A 145 -2.95 -5.55 -9.47
N GLN A 146 -1.78 -6.12 -9.63
CA GLN A 146 -1.73 -7.58 -9.81
C GLN A 146 -2.39 -8.27 -8.63
N GLU A 147 -3.33 -9.21 -8.91
CA GLU A 147 -3.93 -9.98 -7.84
C GLU A 147 -3.05 -11.13 -7.40
N VAL A 148 -2.92 -11.34 -6.10
CA VAL A 148 -2.18 -12.49 -5.54
C VAL A 148 -3.19 -13.53 -5.07
N PRO A 149 -3.13 -14.73 -5.69
CA PRO A 149 -4.06 -15.77 -5.25
C PRO A 149 -3.97 -16.07 -3.73
N LEU A 150 -5.08 -16.45 -3.08
CA LEU A 150 -5.16 -16.46 -1.62
C LEU A 150 -4.07 -17.33 -0.95
N GLU A 151 -3.82 -18.52 -1.49
CA GLU A 151 -2.78 -19.43 -0.89
C GLU A 151 -1.38 -18.82 -0.91
N LYS A 152 -1.06 -18.21 -2.04
CA LYS A 152 0.20 -17.45 -2.20
C LYS A 152 0.22 -16.17 -1.34
N ALA A 153 -0.91 -15.46 -1.29
CA ALA A 153 -1.00 -14.30 -0.38
C ALA A 153 -0.77 -14.64 1.10
N LYS A 154 -1.21 -15.79 1.58
CA LYS A 154 -1.00 -16.17 2.99
C LYS A 154 0.52 -16.30 3.28
N GLN A 155 1.25 -16.88 2.34
CA GLN A 155 2.71 -17.07 2.46
C GLN A 155 3.42 -15.75 2.46
N VAL A 156 2.97 -14.87 1.55
CA VAL A 156 3.52 -13.51 1.47
C VAL A 156 3.28 -12.74 2.79
N LEU A 157 2.03 -12.74 3.29
CA LEU A 157 1.68 -12.06 4.50
C LEU A 157 2.40 -12.64 5.68
N LYS A 158 2.63 -13.95 5.70
CA LYS A 158 3.38 -14.55 6.84
C LYS A 158 4.82 -13.95 6.94
N ILE A 159 5.44 -13.83 5.77
CA ILE A 159 6.80 -13.33 5.64
C ILE A 159 6.85 -11.86 6.01
N ILE A 160 5.90 -11.09 5.51
CA ILE A 160 5.94 -9.65 5.79
C ILE A 160 5.72 -9.41 7.28
N SER A 161 4.77 -10.12 7.91
CA SER A 161 4.52 -9.96 9.32
C SER A 161 5.75 -10.32 10.17
N SER A 162 6.37 -11.46 9.86
CA SER A 162 7.42 -12.00 10.76
C SER A 162 8.79 -11.34 10.52
N TYR A 163 8.98 -10.65 9.41
CA TYR A 163 10.34 -10.17 9.05
C TYR A 163 10.82 -9.16 10.04
N LYS A 164 12.07 -9.28 10.49
CA LYS A 164 12.60 -8.41 11.54
C LYS A 164 13.29 -7.24 10.78
N HIS A 165 12.47 -6.26 10.37
CA HIS A 165 12.94 -5.12 9.62
C HIS A 165 13.88 -4.23 10.42
N THR A 166 14.78 -3.63 9.67
CA THR A 166 15.73 -2.62 10.19
C THR A 166 15.43 -1.20 9.75
N THR A 167 14.65 -1.04 8.68
CA THR A 167 14.23 0.27 8.17
C THR A 167 12.72 0.36 7.82
N SER A 168 12.19 1.57 7.72
CA SER A 168 10.89 1.79 7.18
C SER A 168 10.80 3.24 6.75
N ILE A 169 9.70 3.53 6.08
CA ILE A 169 9.47 4.93 5.64
C ILE A 169 9.32 5.89 6.82
N PHE A 170 8.96 5.40 8.01
CA PHE A 170 9.00 6.27 9.16
C PHE A 170 10.37 6.85 9.48
N ASP A 171 11.44 6.14 9.15
CA ASP A 171 12.77 6.72 9.38
C ASP A 171 12.88 8.09 8.75
N ASP A 172 12.22 8.31 7.60
CA ASP A 172 12.31 9.55 6.85
C ASP A 172 11.12 10.47 7.02
N PHE A 173 10.27 10.22 8.02
CA PHE A 173 9.03 11.01 8.13
C PHE A 173 9.23 12.51 8.24
N ALA A 174 10.18 12.92 9.05
CA ALA A 174 10.49 14.35 9.17
C ALA A 174 10.91 14.99 7.84
N HIS A 175 11.62 14.24 7.02
CA HIS A 175 12.05 14.70 5.73
C HIS A 175 10.88 14.96 4.81
N TYR A 176 9.93 14.02 4.78
CA TYR A 176 8.74 14.20 3.96
C TYR A 176 7.96 15.43 4.45
N GLU A 177 7.81 15.59 5.78
CA GLU A 177 6.99 16.69 6.29
C GLU A 177 7.64 18.03 5.94
N LYS A 178 8.94 18.13 6.10
CA LYS A 178 9.67 19.39 5.83
C LYS A 178 9.59 19.77 4.36
N ARG A 179 9.78 18.78 3.51
CA ARG A 179 9.65 19.00 2.04
C ARG A 179 8.25 19.38 1.64
N GLN A 180 7.23 18.73 2.19
CA GLN A 180 5.84 19.05 1.90
C GLN A 180 5.57 20.48 2.29
N GLU A 181 6.04 20.87 3.47
CA GLU A 181 5.81 22.24 3.90
C GLU A 181 6.53 23.29 3.03
N GLU A 182 7.80 23.05 2.74
CA GLU A 182 8.62 24.01 2.00
C GLU A 182 8.17 24.17 0.53
N GLU A 183 7.78 23.07 -0.09
CA GLU A 183 7.31 23.08 -1.48
C GLU A 183 6.01 23.87 -1.59
N GLU A 184 5.14 23.67 -0.62
CA GLU A 184 3.86 24.47 -0.53
C GLU A 184 4.17 25.96 -0.46
N VAL A 185 5.12 26.39 0.38
CA VAL A 185 5.55 27.79 0.36
C VAL A 185 5.99 28.28 -1.03
N VAL A 186 6.81 27.49 -1.72
CA VAL A 186 7.25 27.89 -3.05
C VAL A 186 6.08 28.09 -4.02
N ARG A 187 5.10 27.20 -3.96
CA ARG A 187 3.92 27.26 -4.80
C ARG A 187 3.06 28.47 -4.51
N LYS A 188 3.05 28.92 -3.28
CA LYS A 188 2.22 30.07 -2.85
C LYS A 188 3.01 31.40 -2.83
N GLU A 189 4.20 31.44 -3.40
CA GLU A 189 5.00 32.69 -3.51
C GLU A 189 4.76 33.40 -4.85
#